data_4WBU
# 
_entry.id   4WBU 
# 
_audit_conform.dict_name       mmcif_pdbx.dic 
_audit_conform.dict_version    5.398 
_audit_conform.dict_location   http://mmcif.pdb.org/dictionaries/ascii/mmcif_pdbx.dic 
# 
loop_
_database_2.database_id 
_database_2.database_code 
_database_2.pdbx_database_accession 
_database_2.pdbx_DOI 
PDB   4WBU         pdb_00004wbu 10.2210/pdb4wbu/pdb 
WWPDB D_1000203552 ?            ?                   
# 
loop_
_pdbx_audit_revision_history.ordinal 
_pdbx_audit_revision_history.data_content_type 
_pdbx_audit_revision_history.major_revision 
_pdbx_audit_revision_history.minor_revision 
_pdbx_audit_revision_history.revision_date 
1 'Structure model' 1 0 2015-05-27 
2 'Structure model' 1 1 2015-07-01 
3 'Structure model' 1 2 2017-11-22 
4 'Structure model' 1 3 2023-12-27 
5 'Structure model' 1 4 2024-11-13 
# 
_pdbx_audit_revision_details.ordinal             1 
_pdbx_audit_revision_details.revision_ordinal    1 
_pdbx_audit_revision_details.data_content_type   'Structure model' 
_pdbx_audit_revision_details.provider            repository 
_pdbx_audit_revision_details.type                'Initial release' 
_pdbx_audit_revision_details.description         ? 
_pdbx_audit_revision_details.details             ? 
# 
loop_
_pdbx_audit_revision_group.ordinal 
_pdbx_audit_revision_group.revision_ordinal 
_pdbx_audit_revision_group.data_content_type 
_pdbx_audit_revision_group.group 
1 2 'Structure model' 'Database references'    
2 2 'Structure model' 'Derived calculations'   
3 3 'Structure model' 'Derived calculations'   
4 3 'Structure model' 'Refinement description' 
5 3 'Structure model' 'Source and taxonomy'    
6 4 'Structure model' 'Data collection'        
7 4 'Structure model' 'Database references'    
8 5 'Structure model' 'Database references'    
9 5 'Structure model' 'Structure summary'      
# 
loop_
_pdbx_audit_revision_category.ordinal 
_pdbx_audit_revision_category.revision_ordinal 
_pdbx_audit_revision_category.data_content_type 
_pdbx_audit_revision_category.category 
1  3 'Structure model' pdbx_entity_src_syn         
2  3 'Structure model' pdbx_struct_assembly        
3  3 'Structure model' pdbx_struct_assembly_gen    
4  3 'Structure model' pdbx_struct_oper_list       
5  3 'Structure model' software                    
6  4 'Structure model' chem_comp_atom              
7  4 'Structure model' chem_comp_bond              
8  4 'Structure model' database_2                  
9  4 'Structure model' diffrn_radiation_wavelength 
10 5 'Structure model' pdbx_database_related       
11 5 'Structure model' pdbx_entry_details          
# 
loop_
_pdbx_audit_revision_item.ordinal 
_pdbx_audit_revision_item.revision_ordinal 
_pdbx_audit_revision_item.data_content_type 
_pdbx_audit_revision_item.item 
1 3 'Structure model' '_pdbx_entity_src_syn.pdbx_alt_source_flag' 
2 3 'Structure model' '_pdbx_struct_assembly.oligomeric_details'  
3 3 'Structure model' '_pdbx_struct_assembly_gen.asym_id_list'    
4 3 'Structure model' '_pdbx_struct_oper_list.symmetry_operation' 
5 4 'Structure model' '_database_2.pdbx_DOI'                      
6 4 'Structure model' '_database_2.pdbx_database_accession'       
# 
_pdbx_database_status.status_code                     REL 
_pdbx_database_status.status_code_sf                  REL 
_pdbx_database_status.status_code_mr                  ? 
_pdbx_database_status.entry_id                        4WBU 
_pdbx_database_status.recvd_initial_deposition_date   2014-09-03 
_pdbx_database_status.SG_entry                        N 
_pdbx_database_status.deposit_site                    RCSB 
_pdbx_database_status.process_site                    RCSB 
_pdbx_database_status.status_code_cs                  ? 
_pdbx_database_status.methods_development_category    ? 
_pdbx_database_status.pdb_format_compatible           Y 
_pdbx_database_status.status_code_nmr_data            ? 
# 
loop_
_pdbx_database_related.content_type 
_pdbx_database_related.db_id 
_pdbx_database_related.db_name 
_pdbx_database_related.details 
unspecified 4tut PDB . 
unspecified 4uby PDB . 
unspecified 4ubz PDB . 
unspecified 4w5l PDB . 
unspecified 4w5m PDB . 
unspecified 4w5p PDB . 
unspecified 4w5y PDB . 
unspecified 4w67 PDB . 
unspecified 4w71 PDB . 
unspecified 4wbv PDB . 
# 
loop_
_audit_author.name 
_audit_author.pdbx_ordinal 
'Yu, L.'     1 
'Lee, S.-J.' 2 
'Yee, V.'    3 
# 
_citation.abstract                  ? 
_citation.abstract_id_CAS           ? 
_citation.book_id_ISBN              ? 
_citation.book_publisher            ? 
_citation.book_publisher_city       ? 
_citation.book_title                ? 
_citation.coordinate_linkage        ? 
_citation.country                   US 
_citation.database_id_Medline       ? 
_citation.details                   ? 
_citation.id                        primary 
_citation.journal_abbrev            Biochemistry 
_citation.journal_id_ASTM           BICHAW 
_citation.journal_id_CSD            0033 
_citation.journal_id_ISSN           0006-2960 
_citation.journal_full              ? 
_citation.journal_issue             ? 
_citation.journal_volume            54 
_citation.language                  ? 
_citation.page_first                3640 
_citation.page_last                 3648 
_citation.title                     
'Crystal Structures of Polymorphic Prion Protein beta 1 Peptides Reveal Variable Steric Zipper Conformations.' 
_citation.year                      2015 
_citation.database_id_CSD           ? 
_citation.pdbx_database_id_DOI      10.1021/acs.biochem.5b00425 
_citation.pdbx_database_id_PubMed   25978088 
_citation.unpublished_flag          ? 
# 
loop_
_citation_author.citation_id 
_citation_author.name 
_citation_author.ordinal 
_citation_author.identifier_ORCID 
primary 'Yu, L.'    1 ? 
primary 'Lee, S.J.' 2 ? 
primary 'Yee, V.C.' 3 ? 
# 
loop_
_entity.id 
_entity.type 
_entity.src_method 
_entity.pdbx_description 
_entity.formula_weight 
_entity.pdbx_number_of_molecules 
_entity.pdbx_ec 
_entity.pdbx_mutation 
_entity.pdbx_fragment 
_entity.details 
1 polymer syn 'PrP peptide' 626.724 2 ? ? ? ? 
2 water   nat water         18.015  9 ? ? ? ? 
# 
_entity_poly.entity_id                      1 
_entity_poly.type                           'polypeptide(L)' 
_entity_poly.nstd_linkage                   no 
_entity_poly.nstd_monomer                   no 
_entity_poly.pdbx_seq_one_letter_code       GYMLGS 
_entity_poly.pdbx_seq_one_letter_code_can   GYMLGS 
_entity_poly.pdbx_strand_id                 A,B 
_entity_poly.pdbx_target_identifier         ? 
# 
_pdbx_entity_nonpoly.entity_id   2 
_pdbx_entity_nonpoly.name        water 
_pdbx_entity_nonpoly.comp_id     HOH 
# 
loop_
_entity_poly_seq.entity_id 
_entity_poly_seq.num 
_entity_poly_seq.mon_id 
_entity_poly_seq.hetero 
1 1 GLY n 
1 2 TYR n 
1 3 MET n 
1 4 LEU n 
1 5 GLY n 
1 6 SER n 
# 
_pdbx_entity_src_syn.entity_id              1 
_pdbx_entity_src_syn.pdbx_src_id            1 
_pdbx_entity_src_syn.pdbx_alt_source_flag   sample 
_pdbx_entity_src_syn.pdbx_beg_seq_num       1 
_pdbx_entity_src_syn.pdbx_end_seq_num       6 
_pdbx_entity_src_syn.organism_scientific    'synthetic construct' 
_pdbx_entity_src_syn.organism_common_name   ? 
_pdbx_entity_src_syn.ncbi_taxonomy_id       32630 
_pdbx_entity_src_syn.details                synthetic 
# 
loop_
_chem_comp.id 
_chem_comp.type 
_chem_comp.mon_nstd_flag 
_chem_comp.name 
_chem_comp.pdbx_synonyms 
_chem_comp.formula 
_chem_comp.formula_weight 
GLY 'peptide linking'   y GLYCINE    ? 'C2 H5 N O2'    75.067  
HOH non-polymer         . WATER      ? 'H2 O'          18.015  
LEU 'L-peptide linking' y LEUCINE    ? 'C6 H13 N O2'   131.173 
MET 'L-peptide linking' y METHIONINE ? 'C5 H11 N O2 S' 149.211 
SER 'L-peptide linking' y SERINE     ? 'C3 H7 N O3'    105.093 
TYR 'L-peptide linking' y TYROSINE   ? 'C9 H11 N O3'   181.189 
# 
loop_
_pdbx_poly_seq_scheme.asym_id 
_pdbx_poly_seq_scheme.entity_id 
_pdbx_poly_seq_scheme.seq_id 
_pdbx_poly_seq_scheme.mon_id 
_pdbx_poly_seq_scheme.ndb_seq_num 
_pdbx_poly_seq_scheme.pdb_seq_num 
_pdbx_poly_seq_scheme.auth_seq_num 
_pdbx_poly_seq_scheme.pdb_mon_id 
_pdbx_poly_seq_scheme.auth_mon_id 
_pdbx_poly_seq_scheme.pdb_strand_id 
_pdbx_poly_seq_scheme.pdb_ins_code 
_pdbx_poly_seq_scheme.hetero 
A 1 1 GLY 1 127 127 GLY GLY A . n 
A 1 2 TYR 2 128 128 TYR TYR A . n 
A 1 3 MET 3 129 129 MET MET A . n 
A 1 4 LEU 4 130 130 LEU LEU A . n 
A 1 5 GLY 5 131 131 GLY GLY A . n 
A 1 6 SER 6 132 132 SER SER A . n 
B 1 1 GLY 1 127 127 GLY GLY B . n 
B 1 2 TYR 2 128 128 TYR TYR B . n 
B 1 3 MET 3 129 129 MET MET B . n 
B 1 4 LEU 4 130 130 LEU LEU B . n 
B 1 5 GLY 5 131 131 GLY GLY B . n 
B 1 6 SER 6 132 132 SER SER B . n 
# 
loop_
_pdbx_nonpoly_scheme.asym_id 
_pdbx_nonpoly_scheme.entity_id 
_pdbx_nonpoly_scheme.mon_id 
_pdbx_nonpoly_scheme.ndb_seq_num 
_pdbx_nonpoly_scheme.pdb_seq_num 
_pdbx_nonpoly_scheme.auth_seq_num 
_pdbx_nonpoly_scheme.pdb_mon_id 
_pdbx_nonpoly_scheme.auth_mon_id 
_pdbx_nonpoly_scheme.pdb_strand_id 
_pdbx_nonpoly_scheme.pdb_ins_code 
C 2 HOH 1 201 7 HOH HOH A . 
C 2 HOH 2 202 6 HOH HOH A . 
C 2 HOH 3 203 2 HOH HOH A . 
C 2 HOH 4 204 1 HOH HOH A . 
C 2 HOH 5 205 8 HOH HOH A . 
D 2 HOH 1 201 5 HOH HOH B . 
D 2 HOH 2 202 3 HOH HOH B . 
D 2 HOH 3 203 4 HOH HOH B . 
D 2 HOH 4 204 9 HOH HOH B . 
# 
loop_
_software.citation_id 
_software.classification 
_software.compiler_name 
_software.compiler_version 
_software.contact_author 
_software.contact_author_email 
_software.date 
_software.description 
_software.dependencies 
_software.hardware 
_software.language 
_software.location 
_software.mods 
_software.name 
_software.os 
_software.os_version 
_software.type 
_software.version 
_software.pdbx_ordinal 
? 'data reduction'  ? ? ? ? ? ? ? ? ? ? ? HKL-2000    ? ? ? .                           1 
? refinement        ? ? ? ? ? ? ? ? ? ? ? PHENIX      ? ? ? '(phenix.refine: 1.9_1692)' 2 
? 'data extraction' ? ? ? ? ? ? ? ? ? ? ? PDB_EXTRACT ? ? ? 3.15                        3 
? 'data scaling'    ? ? ? ? ? ? ? ? ? ? ? HKL-2000    ? ? ? .                           4 
? phasing           ? ? ? ? ? ? ? ? ? ? ? SHELX       ? ? ? .                           5 
? 'data reduction'  ? ? ? ? ? ? ? ? ? ? ? DENZO       ? ? ? .                           6 
? 'data scaling'    ? ? ? ? ? ? ? ? ? ? ? SCALEPACK   ? ? ? .                           7 
# 
_cell.length_a           9.439 
_cell.length_b           17.792 
_cell.length_c           44.561 
_cell.angle_alpha        90.000 
_cell.angle_beta         90.000 
_cell.angle_gamma        90.000 
_cell.entry_id           4WBU 
_cell.Z_PDB              8 
_cell.pdbx_unique_axis   ? 
# 
_symmetry.entry_id                         4WBU 
_symmetry.cell_setting                     ? 
_symmetry.Int_Tables_number                19 
_symmetry.space_group_name_Hall            ? 
_symmetry.space_group_name_H-M             'P 21 21 21' 
_symmetry.pdbx_full_space_group_name_H-M   ? 
# 
_exptl.absorpt_coefficient_mu     ? 
_exptl.absorpt_correction_T_max   ? 
_exptl.absorpt_correction_T_min   ? 
_exptl.absorpt_correction_type    ? 
_exptl.absorpt_process_details    ? 
_exptl.entry_id                   4WBU 
_exptl.crystals_number            1 
_exptl.details                    ? 
_exptl.method                     'X-RAY DIFFRACTION' 
_exptl.method_details             ? 
# 
_exptl_crystal.colour                      ? 
_exptl_crystal.density_diffrn              ? 
_exptl_crystal.density_Matthews            1.49 
_exptl_crystal.density_method              ? 
_exptl_crystal.density_percent_sol         17.59 
_exptl_crystal.description                 ? 
_exptl_crystal.F_000                       ? 
_exptl_crystal.id                          1 
_exptl_crystal.preparation                 ? 
_exptl_crystal.size_max                    ? 
_exptl_crystal.size_mid                    ? 
_exptl_crystal.size_min                    ? 
_exptl_crystal.size_rad                    ? 
_exptl_crystal.colour_lustre               ? 
_exptl_crystal.colour_modifier             ? 
_exptl_crystal.colour_primary              ? 
_exptl_crystal.density_meas                ? 
_exptl_crystal.density_meas_esd            ? 
_exptl_crystal.density_meas_gt             ? 
_exptl_crystal.density_meas_lt             ? 
_exptl_crystal.density_meas_temp           ? 
_exptl_crystal.density_meas_temp_esd       ? 
_exptl_crystal.density_meas_temp_gt        ? 
_exptl_crystal.density_meas_temp_lt        ? 
_exptl_crystal.pdbx_crystal_image_url      ? 
_exptl_crystal.pdbx_crystal_image_format   ? 
_exptl_crystal.pdbx_mosaicity              ? 
_exptl_crystal.pdbx_mosaicity_esd          ? 
# 
_exptl_crystal_grow.apparatus       ? 
_exptl_crystal_grow.atmosphere      ? 
_exptl_crystal_grow.crystal_id      1 
_exptl_crystal_grow.details         ? 
_exptl_crystal_grow.method          'VAPOR DIFFUSION, SITTING DROP' 
_exptl_crystal_grow.method_ref      ? 
_exptl_crystal_grow.pH              7.5 
_exptl_crystal_grow.pressure        ? 
_exptl_crystal_grow.pressure_esd    ? 
_exptl_crystal_grow.seeding         ? 
_exptl_crystal_grow.seeding_ref     ? 
_exptl_crystal_grow.temp            293 
_exptl_crystal_grow.temp_details    ? 
_exptl_crystal_grow.temp_esd        ? 
_exptl_crystal_grow.time            ? 
_exptl_crystal_grow.pdbx_details    '0.1 M Hepes, 2.0 M ammonium sulfate, and 2.0 M NDSB-211' 
_exptl_crystal_grow.pdbx_pH_range   ? 
# 
_diffrn.ambient_environment    ? 
_diffrn.ambient_temp           100 
_diffrn.ambient_temp_details   ? 
_diffrn.ambient_temp_esd       ? 
_diffrn.crystal_id             1 
_diffrn.crystal_support        ? 
_diffrn.crystal_treatment      ? 
_diffrn.details                ? 
_diffrn.id                     1 
_diffrn.ambient_pressure       ? 
_diffrn.ambient_pressure_esd   ? 
_diffrn.ambient_pressure_gt    ? 
_diffrn.ambient_pressure_lt    ? 
_diffrn.ambient_temp_gt        ? 
_diffrn.ambient_temp_lt        ? 
# 
_diffrn_detector.details                      ? 
_diffrn_detector.detector                     CCD 
_diffrn_detector.diffrn_id                    1 
_diffrn_detector.type                         'ADSC QUANTUM 315' 
_diffrn_detector.area_resol_mean              ? 
_diffrn_detector.dtime                        ? 
_diffrn_detector.pdbx_frames_total            ? 
_diffrn_detector.pdbx_collection_time_total   ? 
_diffrn_detector.pdbx_collection_date         2007-03-31 
# 
_diffrn_radiation.collimation                      ? 
_diffrn_radiation.diffrn_id                        1 
_diffrn_radiation.filter_edge                      ? 
_diffrn_radiation.inhomogeneity                    ? 
_diffrn_radiation.monochromator                    ? 
_diffrn_radiation.polarisn_norm                    ? 
_diffrn_radiation.polarisn_ratio                   ? 
_diffrn_radiation.probe                            ? 
_diffrn_radiation.type                             ? 
_diffrn_radiation.xray_symbol                      ? 
_diffrn_radiation.wavelength_id                    1 
_diffrn_radiation.pdbx_monochromatic_or_laue_m_l   M 
_diffrn_radiation.pdbx_wavelength_list             ? 
_diffrn_radiation.pdbx_wavelength                  ? 
_diffrn_radiation.pdbx_diffrn_protocol             'SINGLE WAVELENGTH' 
_diffrn_radiation.pdbx_analyzer                    ? 
_diffrn_radiation.pdbx_scattering_type             x-ray 
# 
_diffrn_radiation_wavelength.id           1 
_diffrn_radiation_wavelength.wavelength   0.91840 
_diffrn_radiation_wavelength.wt           1.0 
# 
_diffrn_source.current                     ? 
_diffrn_source.details                     ? 
_diffrn_source.diffrn_id                   1 
_diffrn_source.power                       ? 
_diffrn_source.size                        ? 
_diffrn_source.source                      SYNCHROTRON 
_diffrn_source.target                      ? 
_diffrn_source.type                        'APS BEAMLINE 19-ID' 
_diffrn_source.voltage                     ? 
_diffrn_source.take-off_angle              ? 
_diffrn_source.pdbx_wavelength_list        0.91840 
_diffrn_source.pdbx_wavelength             ? 
_diffrn_source.pdbx_synchrotron_beamline   19-ID 
_diffrn_source.pdbx_synchrotron_site       APS 
# 
_reflns.B_iso_Wilson_estimate            3.560 
_reflns.entry_id                         4WBU 
_reflns.data_reduction_details           ? 
_reflns.data_reduction_method            ? 
_reflns.d_resolution_high                1.150 
_reflns.d_resolution_low                 50.000 
_reflns.details                          ? 
_reflns.limit_h_max                      ? 
_reflns.limit_h_min                      ? 
_reflns.limit_k_max                      ? 
_reflns.limit_k_min                      ? 
_reflns.limit_l_max                      ? 
_reflns.limit_l_min                      ? 
_reflns.number_all                       ? 
_reflns.number_obs                       2627 
_reflns.observed_criterion               ? 
_reflns.observed_criterion_F_max         ? 
_reflns.observed_criterion_F_min         ? 
_reflns.observed_criterion_I_max         ? 
_reflns.observed_criterion_I_min         ? 
_reflns.observed_criterion_sigma_F       ? 
_reflns.observed_criterion_sigma_I       ? 
_reflns.percent_possible_obs             87.600 
_reflns.R_free_details                   ? 
_reflns.Rmerge_F_all                     ? 
_reflns.Rmerge_F_obs                     ? 
_reflns.Friedel_coverage                 ? 
_reflns.number_gt                        ? 
_reflns.threshold_expression             ? 
_reflns.pdbx_redundancy                  5.600 
_reflns.pdbx_Rmerge_I_obs                0.102 
_reflns.pdbx_Rmerge_I_all                ? 
_reflns.pdbx_Rsym_value                  ? 
_reflns.pdbx_netI_over_av_sigmaI         11.957 
_reflns.pdbx_netI_over_sigmaI            11.100 
_reflns.pdbx_res_netI_over_av_sigmaI_2   ? 
_reflns.pdbx_res_netI_over_sigmaI_2      ? 
_reflns.pdbx_chi_squared                 1.001 
_reflns.pdbx_scaling_rejects             ? 
_reflns.pdbx_d_res_high_opt              ? 
_reflns.pdbx_d_res_low_opt               ? 
_reflns.pdbx_d_res_opt_method            ? 
_reflns.phase_calculation_details        ? 
_reflns.pdbx_Rrim_I_all                  ? 
_reflns.pdbx_Rpim_I_all                  ? 
_reflns.pdbx_d_opt                       ? 
_reflns.pdbx_number_measured_all         14648 
_reflns.pdbx_diffrn_id                   1 
_reflns.pdbx_ordinal                     1 
_reflns.pdbx_CC_half                     ? 
_reflns.pdbx_R_split                     ? 
# 
loop_
_reflns_shell.d_res_high 
_reflns_shell.d_res_low 
_reflns_shell.meanI_over_sigI_all 
_reflns_shell.meanI_over_sigI_obs 
_reflns_shell.number_measured_all 
_reflns_shell.number_measured_obs 
_reflns_shell.number_possible 
_reflns_shell.number_unique_all 
_reflns_shell.number_unique_obs 
_reflns_shell.percent_possible_all 
_reflns_shell.percent_possible_obs 
_reflns_shell.Rmerge_F_all 
_reflns_shell.Rmerge_F_obs 
_reflns_shell.Rmerge_I_all 
_reflns_shell.Rmerge_I_obs 
_reflns_shell.meanI_over_sigI_gt 
_reflns_shell.meanI_over_uI_all 
_reflns_shell.meanI_over_uI_gt 
_reflns_shell.number_measured_gt 
_reflns_shell.number_unique_gt 
_reflns_shell.percent_possible_gt 
_reflns_shell.Rmerge_F_gt 
_reflns_shell.Rmerge_I_gt 
_reflns_shell.pdbx_redundancy 
_reflns_shell.pdbx_Rsym_value 
_reflns_shell.pdbx_chi_squared 
_reflns_shell.pdbx_netI_over_sigmaI_all 
_reflns_shell.pdbx_netI_over_sigmaI_obs 
_reflns_shell.pdbx_Rrim_I_all 
_reflns_shell.pdbx_Rpim_I_all 
_reflns_shell.pdbx_rejects 
_reflns_shell.pdbx_ordinal 
_reflns_shell.pdbx_diffrn_id 
_reflns_shell.pdbx_CC_half 
_reflns_shell.pdbx_R_split 
1.150 1.190  ? ? ? ? ? 197 ? 65.200 ? ? ? ? 0.186 ? ? ? ? ? ? ? ? 3.000 ? 1.094 ? ? ? ? 0 1  1 ? ? 
1.190 1.240  ? ? ? ? ? 201 ? 75.800 ? ? ? ? 0.171 ? ? ? ? ? ? ? ? 3.200 ? 0.981 ? ? ? ? 0 2  1 ? ? 
1.240 1.300  ? ? ? ? ? 240 ? 80.300 ? ? ? ? 0.159 ? ? ? ? ? ? ? ? 3.900 ? 1.130 ? ? ? ? 0 3  1 ? ? 
1.300 1.360  ? ? ? ? ? 238 ? 81.000 ? ? ? ? 0.160 ? ? ? ? ? ? ? ? 4.400 ? 1.064 ? ? ? ? 0 4  1 ? ? 
1.360 1.450  ? ? ? ? ? 266 ? 95.000 ? ? ? ? 0.148 ? ? ? ? ? ? ? ? 5.200 ? 0.952 ? ? ? ? 0 5  1 ? ? 
1.450 1.560  ? ? ? ? ? 289 ? 96.300 ? ? ? ? 0.120 ? ? ? ? ? ? ? ? 5.700 ? 0.959 ? ? ? ? 0 6  1 ? ? 
1.560 1.720  ? ? ? ? ? 275 ? 95.200 ? ? ? ? 0.118 ? ? ? ? ? ? ? ? 6.400 ? 0.937 ? ? ? ? 0 7  1 ? ? 
1.720 1.970  ? ? ? ? ? 298 ? 96.100 ? ? ? ? 0.107 ? ? ? ? ? ? ? ? 6.900 ? 0.971 ? ? ? ? 0 8  1 ? ? 
1.970 2.480  ? ? ? ? ? 307 ? 99.000 ? ? ? ? 0.083 ? ? ? ? ? ? ? ? 7.500 ? 0.977 ? ? ? ? 0 9  1 ? ? 
2.480 50.000 ? ? ? ? ? 316 ? 90.500 ? ? ? ? 0.081 ? ? ? ? ? ? ? ? 7.200 ? 1.070 ? ? ? ? 0 10 1 ? ? 
# 
_refine.aniso_B[1][1]                            ? 
_refine.aniso_B[1][2]                            ? 
_refine.aniso_B[1][3]                            ? 
_refine.aniso_B[2][2]                            ? 
_refine.aniso_B[2][3]                            ? 
_refine.aniso_B[3][3]                            ? 
_refine.B_iso_max                                35.490 
_refine.B_iso_mean                               8.2041 
_refine.B_iso_min                                2.250 
_refine.correlation_coeff_Fo_to_Fc               ? 
_refine.correlation_coeff_Fo_to_Fc_free          ? 
_refine.details                                  ? 
_refine.diff_density_max                         ? 
_refine.diff_density_max_esd                     ? 
_refine.diff_density_min                         ? 
_refine.diff_density_min_esd                     ? 
_refine.diff_density_rms                         ? 
_refine.diff_density_rms_esd                     ? 
_refine.entry_id                                 4WBU 
_refine.pdbx_refine_id                           'X-RAY DIFFRACTION' 
_refine.ls_abs_structure_details                 ? 
_refine.ls_abs_structure_Flack                   ? 
_refine.ls_abs_structure_Flack_esd               ? 
_refine.ls_abs_structure_Rogers                  ? 
_refine.ls_abs_structure_Rogers_esd              ? 
_refine.ls_d_res_high                            1.1500 
_refine.ls_d_res_low                             22.2800 
_refine.ls_extinction_coef                       ? 
_refine.ls_extinction_coef_esd                   ? 
_refine.ls_extinction_expression                 ? 
_refine.ls_extinction_method                     ? 
_refine.ls_goodness_of_fit_all                   ? 
_refine.ls_goodness_of_fit_all_esd               ? 
_refine.ls_goodness_of_fit_obs                   ? 
_refine.ls_goodness_of_fit_obs_esd               ? 
_refine.ls_hydrogen_treatment                    ? 
_refine.ls_matrix_type                           ? 
_refine.ls_number_constraints                    ? 
_refine.ls_number_parameters                     ? 
_refine.ls_number_reflns_all                     ? 
_refine.ls_number_reflns_obs                     2604 
_refine.ls_number_reflns_R_free                  116 
_refine.ls_number_reflns_R_work                  2488 
_refine.ls_number_restraints                     ? 
_refine.ls_percent_reflns_obs                    87.5900 
_refine.ls_percent_reflns_R_free                 4.4500 
_refine.ls_R_factor_all                          ? 
_refine.ls_R_factor_obs                          0.1507 
_refine.ls_R_factor_R_free                       0.1665 
_refine.ls_R_factor_R_free_error                 ? 
_refine.ls_R_factor_R_free_error_details         ? 
_refine.ls_R_factor_R_work                       0.1500 
_refine.ls_R_Fsqd_factor_obs                     ? 
_refine.ls_R_I_factor_obs                        ? 
_refine.ls_redundancy_reflns_all                 ? 
_refine.ls_redundancy_reflns_obs                 ? 
_refine.ls_restrained_S_all                      ? 
_refine.ls_restrained_S_obs                      ? 
_refine.ls_shift_over_esd_max                    ? 
_refine.ls_shift_over_esd_mean                   ? 
_refine.ls_structure_factor_coef                 ? 
_refine.ls_weighting_details                     ? 
_refine.ls_weighting_scheme                      ? 
_refine.ls_wR_factor_all                         ? 
_refine.ls_wR_factor_obs                         ? 
_refine.ls_wR_factor_R_free                      ? 
_refine.ls_wR_factor_R_work                      ? 
_refine.occupancy_max                            ? 
_refine.occupancy_min                            ? 
_refine.solvent_model_details                    'FLAT BULK SOLVENT MODEL' 
_refine.solvent_model_param_bsol                 ? 
_refine.solvent_model_param_ksol                 ? 
_refine.ls_R_factor_gt                           ? 
_refine.ls_goodness_of_fit_gt                    ? 
_refine.ls_goodness_of_fit_ref                   ? 
_refine.ls_shift_over_su_max                     ? 
_refine.ls_shift_over_su_max_lt                  ? 
_refine.ls_shift_over_su_mean                    ? 
_refine.ls_shift_over_su_mean_lt                 ? 
_refine.pdbx_ls_sigma_I                          ? 
_refine.pdbx_ls_sigma_F                          1.460 
_refine.pdbx_ls_sigma_Fsqd                       ? 
_refine.pdbx_data_cutoff_high_absF               ? 
_refine.pdbx_data_cutoff_high_rms_absF           ? 
_refine.pdbx_data_cutoff_low_absF                ? 
_refine.pdbx_isotropic_thermal_model             ? 
_refine.pdbx_ls_cross_valid_method               'FREE R-VALUE' 
_refine.pdbx_method_to_determine_struct          'AB INITIO PHASING' 
_refine.pdbx_starting_model                      ? 
_refine.pdbx_stereochemistry_target_values       ML 
_refine.pdbx_R_Free_selection_details            ? 
_refine.pdbx_stereochem_target_val_spec_case     ? 
_refine.pdbx_overall_ESU_R                       ? 
_refine.pdbx_overall_ESU_R_Free                  ? 
_refine.pdbx_solvent_vdw_probe_radii             1.1100 
_refine.pdbx_solvent_ion_probe_radii             ? 
_refine.pdbx_solvent_shrinkage_radii             0.9000 
_refine.pdbx_real_space_R                        ? 
_refine.pdbx_density_correlation                 ? 
_refine.pdbx_pd_number_of_powder_patterns        ? 
_refine.pdbx_pd_number_of_points                 ? 
_refine.pdbx_pd_meas_number_of_points            ? 
_refine.pdbx_pd_proc_ls_prof_R_factor            ? 
_refine.pdbx_pd_proc_ls_prof_wR_factor           ? 
_refine.pdbx_pd_Marquardt_correlation_coeff      ? 
_refine.pdbx_pd_Fsqrd_R_factor                   ? 
_refine.pdbx_pd_ls_matrix_band_width             ? 
_refine.pdbx_overall_phase_error                 16.7400 
_refine.pdbx_overall_SU_R_free_Cruickshank_DPI   ? 
_refine.pdbx_overall_SU_R_free_Blow_DPI          ? 
_refine.pdbx_overall_SU_R_Blow_DPI               ? 
_refine.pdbx_TLS_residual_ADP_flag               ? 
_refine.pdbx_diffrn_id                           1 
_refine.overall_SU_B                             ? 
_refine.overall_SU_ML                            0.0400 
_refine.overall_SU_R_Cruickshank_DPI             ? 
_refine.overall_SU_R_free                        ? 
_refine.overall_FOM_free_R_set                   ? 
_refine.overall_FOM_work_R_set                   ? 
# 
_refine_hist.cycle_id                         final 
_refine_hist.pdbx_refine_id                   'X-RAY DIFFRACTION' 
_refine_hist.d_res_high                       1.1500 
_refine_hist.d_res_low                        22.2800 
_refine_hist.pdbx_number_atoms_ligand         0 
_refine_hist.number_atoms_solvent             11 
_refine_hist.number_atoms_total               97 
_refine_hist.pdbx_number_residues_total       12 
_refine_hist.pdbx_B_iso_mean_solvent          24.06 
_refine_hist.pdbx_number_atoms_protein        86 
_refine_hist.pdbx_number_atoms_nucleic_acid   0 
# 
loop_
_refine_ls_restr.pdbx_refine_id 
_refine_ls_restr.criterion 
_refine_ls_restr.dev_ideal 
_refine_ls_restr.dev_ideal_target 
_refine_ls_restr.number 
_refine_ls_restr.rejects 
_refine_ls_restr.type 
_refine_ls_restr.weight 
_refine_ls_restr.pdbx_restraint_function 
'X-RAY DIFFRACTION' ? 0.008  ? 92  ? f_bond_d           ? ? 
'X-RAY DIFFRACTION' ? 1.382  ? 121 ? f_angle_d          ? ? 
'X-RAY DIFFRACTION' ? 0.068  ? 11  ? f_chiral_restr     ? ? 
'X-RAY DIFFRACTION' ? 0.004  ? 15  ? f_plane_restr      ? ? 
'X-RAY DIFFRACTION' ? 11.375 ? 35  ? f_dihedral_angle_d ? ? 
# 
_refine_ls_shell.pdbx_refine_id                   'X-RAY DIFFRACTION' 
_refine_ls_shell.d_res_high                       1.1504 
_refine_ls_shell.d_res_low                        22.2847 
_refine_ls_shell.number_reflns_all                2604 
_refine_ls_shell.number_reflns_obs                ? 
_refine_ls_shell.number_reflns_R_free             116 
_refine_ls_shell.number_reflns_R_work             2488 
_refine_ls_shell.percent_reflns_obs               88.0000 
_refine_ls_shell.percent_reflns_R_free            ? 
_refine_ls_shell.R_factor_all                     ? 
_refine_ls_shell.R_factor_obs                     ? 
_refine_ls_shell.R_factor_R_free                  0.1665 
_refine_ls_shell.R_factor_R_free_error            ? 
_refine_ls_shell.R_factor_R_work                  0.1500 
_refine_ls_shell.redundancy_reflns_all            ? 
_refine_ls_shell.redundancy_reflns_obs            ? 
_refine_ls_shell.wR_factor_all                    ? 
_refine_ls_shell.wR_factor_obs                    ? 
_refine_ls_shell.wR_factor_R_free                 ? 
_refine_ls_shell.wR_factor_R_work                 ? 
_refine_ls_shell.pdbx_total_number_of_bins_used   1 
_refine_ls_shell.pdbx_phase_error                 ? 
# 
_struct.entry_id                     4WBU 
_struct.title                        'prion peptide' 
_struct.pdbx_model_details           ? 
_struct.pdbx_formula_weight          ? 
_struct.pdbx_formula_weight_method   ? 
_struct.pdbx_model_type_details      ? 
_struct.pdbx_CASP_flag               ? 
# 
_struct_keywords.entry_id        4WBU 
_struct_keywords.text            'prion peptide, de novo protein, membrane protein' 
_struct_keywords.pdbx_keywords   'de novo protein, membrane protein' 
# 
loop_
_struct_asym.id 
_struct_asym.pdbx_blank_PDB_chainid_flag 
_struct_asym.pdbx_modified 
_struct_asym.entity_id 
_struct_asym.details 
A N N 1 ? 
B N N 1 ? 
C N N 2 ? 
D N N 2 ? 
# 
_struct_ref.id                         1 
_struct_ref.db_name                    PDB 
_struct_ref.db_code                    4WBU 
_struct_ref.pdbx_db_accession          4WBU 
_struct_ref.pdbx_db_isoform            ? 
_struct_ref.entity_id                  1 
_struct_ref.pdbx_seq_one_letter_code   ? 
_struct_ref.pdbx_align_begin           1 
# 
loop_
_struct_ref_seq.align_id 
_struct_ref_seq.ref_id 
_struct_ref_seq.pdbx_PDB_id_code 
_struct_ref_seq.pdbx_strand_id 
_struct_ref_seq.seq_align_beg 
_struct_ref_seq.pdbx_seq_align_beg_ins_code 
_struct_ref_seq.seq_align_end 
_struct_ref_seq.pdbx_seq_align_end_ins_code 
_struct_ref_seq.pdbx_db_accession 
_struct_ref_seq.db_align_beg 
_struct_ref_seq.pdbx_db_align_beg_ins_code 
_struct_ref_seq.db_align_end 
_struct_ref_seq.pdbx_db_align_end_ins_code 
_struct_ref_seq.pdbx_auth_seq_align_beg 
_struct_ref_seq.pdbx_auth_seq_align_end 
1 1 4WBU A 1 ? 6 ? 4WBU 127 ? 132 ? 127 132 
2 1 4WBU B 1 ? 6 ? 4WBU 127 ? 132 ? 127 132 
# 
_pdbx_struct_assembly.id                   1 
_pdbx_struct_assembly.details              author_defined_assembly 
_pdbx_struct_assembly.method_details       ? 
_pdbx_struct_assembly.oligomeric_details   octameric 
_pdbx_struct_assembly.oligomeric_count     8 
# 
_pdbx_struct_assembly_gen.assembly_id       1 
_pdbx_struct_assembly_gen.oper_expression   1,2,3,4 
_pdbx_struct_assembly_gen.asym_id_list      A,B,C,D 
# 
loop_
_pdbx_struct_oper_list.id 
_pdbx_struct_oper_list.type 
_pdbx_struct_oper_list.name 
_pdbx_struct_oper_list.symmetry_operation 
_pdbx_struct_oper_list.matrix[1][1] 
_pdbx_struct_oper_list.matrix[1][2] 
_pdbx_struct_oper_list.matrix[1][3] 
_pdbx_struct_oper_list.vector[1] 
_pdbx_struct_oper_list.matrix[2][1] 
_pdbx_struct_oper_list.matrix[2][2] 
_pdbx_struct_oper_list.matrix[2][3] 
_pdbx_struct_oper_list.vector[2] 
_pdbx_struct_oper_list.matrix[3][1] 
_pdbx_struct_oper_list.matrix[3][2] 
_pdbx_struct_oper_list.matrix[3][3] 
_pdbx_struct_oper_list.vector[3] 
1 'identity operation'         1_555 x,y,z             1.0000000000  0.0000000000  0.0000000000  0.0000000000  0.0000000000  1.0000000000  0.0000000000 0.0000000000   0.0000000000  0.0000000000 1.0000000000  0.0000000000  
2 'crystal symmetry operation' 1_655 x+1,y,z           1.0000000000  0.0000000000  0.0000000000  -6.8014609823 0.0000000000  1.0000000000  0.0000000000 -6.3624914929  0.0000000000  0.0000000000 1.0000000000  -1.5341289089 
3 'crystal symmetry operation' 3_655 -x+1,y+1/2,-z+1/2 -0.1008132139 -0.8283521679 -0.5510620490 7.7155706644  -0.8283521679 -0.2369023604 0.5076514135 -5.4534556054  -0.5510620490 0.5076514135 -0.6622844257 -0.8614675797 
4 'crystal symmetry operation' 3_755 -x+2,y+1/2,-z+1/2 -0.1008132139 -0.8283521679 -0.5510620490 0.9141096821  -0.8283521679 -0.2369023604 0.5076514135 -11.8159470983 -0.5510620490 0.5076514135 -0.6622844257 -2.3955964886 
# 
_struct_biol.details                      
;BIOLOGICAL UNIT DISPLAYS ONLY A PORTION OF THE CRYSTAL LATTICE TO DEMONSTRATE THE CRYSTAL PACKING CONTENT. THE CRYSTAL  
PACKING IS FORMED BY A REPETITION IN BOTH DIRECTIONS OF THE PORTION  INDICATED IN REMARK 350.
;
_struct_biol.id                           1 
_struct_biol.pdbx_parent_biol_id          ? 
_struct_biol.pdbx_formula_weight          ? 
_struct_biol.pdbx_formula_weight_method   ? 
_struct_biol.pdbx_aggregation_state       ? 
_struct_biol.pdbx_assembly_method         ? 
# 
_struct_sheet.id               AA1 
_struct_sheet.type             ? 
_struct_sheet.number_strands   2 
_struct_sheet.details          ? 
# 
_struct_sheet_order.sheet_id     AA1 
_struct_sheet_order.range_id_1   1 
_struct_sheet_order.range_id_2   2 
_struct_sheet_order.offset       ? 
_struct_sheet_order.sense        anti-parallel 
# 
loop_
_struct_sheet_range.sheet_id 
_struct_sheet_range.id 
_struct_sheet_range.beg_label_comp_id 
_struct_sheet_range.beg_label_asym_id 
_struct_sheet_range.beg_label_seq_id 
_struct_sheet_range.pdbx_beg_PDB_ins_code 
_struct_sheet_range.end_label_comp_id 
_struct_sheet_range.end_label_asym_id 
_struct_sheet_range.end_label_seq_id 
_struct_sheet_range.pdbx_end_PDB_ins_code 
_struct_sheet_range.beg_auth_comp_id 
_struct_sheet_range.beg_auth_asym_id 
_struct_sheet_range.beg_auth_seq_id 
_struct_sheet_range.end_auth_comp_id 
_struct_sheet_range.end_auth_asym_id 
_struct_sheet_range.end_auth_seq_id 
AA1 1 TYR A 2 ? GLY A 5 ? TYR A 128 GLY A 131 
AA1 2 TYR B 2 ? GLY B 5 ? TYR B 128 GLY B 131 
# 
_pdbx_struct_sheet_hbond.sheet_id                AA1 
_pdbx_struct_sheet_hbond.range_id_1              1 
_pdbx_struct_sheet_hbond.range_id_2              2 
_pdbx_struct_sheet_hbond.range_1_label_atom_id   N 
_pdbx_struct_sheet_hbond.range_1_label_comp_id   MET 
_pdbx_struct_sheet_hbond.range_1_label_asym_id   A 
_pdbx_struct_sheet_hbond.range_1_label_seq_id    3 
_pdbx_struct_sheet_hbond.range_1_PDB_ins_code    ? 
_pdbx_struct_sheet_hbond.range_1_auth_atom_id    N 
_pdbx_struct_sheet_hbond.range_1_auth_comp_id    MET 
_pdbx_struct_sheet_hbond.range_1_auth_asym_id    A 
_pdbx_struct_sheet_hbond.range_1_auth_seq_id     129 
_pdbx_struct_sheet_hbond.range_2_label_atom_id   O 
_pdbx_struct_sheet_hbond.range_2_label_comp_id   LEU 
_pdbx_struct_sheet_hbond.range_2_label_asym_id   B 
_pdbx_struct_sheet_hbond.range_2_label_seq_id    4 
_pdbx_struct_sheet_hbond.range_2_PDB_ins_code    ? 
_pdbx_struct_sheet_hbond.range_2_auth_atom_id    O 
_pdbx_struct_sheet_hbond.range_2_auth_comp_id    LEU 
_pdbx_struct_sheet_hbond.range_2_auth_asym_id    B 
_pdbx_struct_sheet_hbond.range_2_auth_seq_id     130 
# 
_pdbx_entry_details.entry_id                   4WBU 
_pdbx_entry_details.compound_details           ? 
_pdbx_entry_details.source_details             ? 
_pdbx_entry_details.nonpolymer_details         ? 
_pdbx_entry_details.sequence_details           ? 
_pdbx_entry_details.has_ligand_of_interest     ? 
_pdbx_entry_details.has_protein_modification   N 
# 
loop_
_chem_comp_atom.comp_id 
_chem_comp_atom.atom_id 
_chem_comp_atom.type_symbol 
_chem_comp_atom.pdbx_aromatic_flag 
_chem_comp_atom.pdbx_stereo_config 
_chem_comp_atom.pdbx_ordinal 
GLY N    N N N 1  
GLY CA   C N N 2  
GLY C    C N N 3  
GLY O    O N N 4  
GLY OXT  O N N 5  
GLY H    H N N 6  
GLY H2   H N N 7  
GLY HA2  H N N 8  
GLY HA3  H N N 9  
GLY HXT  H N N 10 
HOH O    O N N 11 
HOH H1   H N N 12 
HOH H2   H N N 13 
LEU N    N N N 14 
LEU CA   C N S 15 
LEU C    C N N 16 
LEU O    O N N 17 
LEU CB   C N N 18 
LEU CG   C N N 19 
LEU CD1  C N N 20 
LEU CD2  C N N 21 
LEU OXT  O N N 22 
LEU H    H N N 23 
LEU H2   H N N 24 
LEU HA   H N N 25 
LEU HB2  H N N 26 
LEU HB3  H N N 27 
LEU HG   H N N 28 
LEU HD11 H N N 29 
LEU HD12 H N N 30 
LEU HD13 H N N 31 
LEU HD21 H N N 32 
LEU HD22 H N N 33 
LEU HD23 H N N 34 
LEU HXT  H N N 35 
MET N    N N N 36 
MET CA   C N S 37 
MET C    C N N 38 
MET O    O N N 39 
MET CB   C N N 40 
MET CG   C N N 41 
MET SD   S N N 42 
MET CE   C N N 43 
MET OXT  O N N 44 
MET H    H N N 45 
MET H2   H N N 46 
MET HA   H N N 47 
MET HB2  H N N 48 
MET HB3  H N N 49 
MET HG2  H N N 50 
MET HG3  H N N 51 
MET HE1  H N N 52 
MET HE2  H N N 53 
MET HE3  H N N 54 
MET HXT  H N N 55 
SER N    N N N 56 
SER CA   C N S 57 
SER C    C N N 58 
SER O    O N N 59 
SER CB   C N N 60 
SER OG   O N N 61 
SER OXT  O N N 62 
SER H    H N N 63 
SER H2   H N N 64 
SER HA   H N N 65 
SER HB2  H N N 66 
SER HB3  H N N 67 
SER HG   H N N 68 
SER HXT  H N N 69 
TYR N    N N N 70 
TYR CA   C N S 71 
TYR C    C N N 72 
TYR O    O N N 73 
TYR CB   C N N 74 
TYR CG   C Y N 75 
TYR CD1  C Y N 76 
TYR CD2  C Y N 77 
TYR CE1  C Y N 78 
TYR CE2  C Y N 79 
TYR CZ   C Y N 80 
TYR OH   O N N 81 
TYR OXT  O N N 82 
TYR H    H N N 83 
TYR H2   H N N 84 
TYR HA   H N N 85 
TYR HB2  H N N 86 
TYR HB3  H N N 87 
TYR HD1  H N N 88 
TYR HD2  H N N 89 
TYR HE1  H N N 90 
TYR HE2  H N N 91 
TYR HH   H N N 92 
TYR HXT  H N N 93 
# 
loop_
_chem_comp_bond.comp_id 
_chem_comp_bond.atom_id_1 
_chem_comp_bond.atom_id_2 
_chem_comp_bond.value_order 
_chem_comp_bond.pdbx_aromatic_flag 
_chem_comp_bond.pdbx_stereo_config 
_chem_comp_bond.pdbx_ordinal 
GLY N   CA   sing N N 1  
GLY N   H    sing N N 2  
GLY N   H2   sing N N 3  
GLY CA  C    sing N N 4  
GLY CA  HA2  sing N N 5  
GLY CA  HA3  sing N N 6  
GLY C   O    doub N N 7  
GLY C   OXT  sing N N 8  
GLY OXT HXT  sing N N 9  
HOH O   H1   sing N N 10 
HOH O   H2   sing N N 11 
LEU N   CA   sing N N 12 
LEU N   H    sing N N 13 
LEU N   H2   sing N N 14 
LEU CA  C    sing N N 15 
LEU CA  CB   sing N N 16 
LEU CA  HA   sing N N 17 
LEU C   O    doub N N 18 
LEU C   OXT  sing N N 19 
LEU CB  CG   sing N N 20 
LEU CB  HB2  sing N N 21 
LEU CB  HB3  sing N N 22 
LEU CG  CD1  sing N N 23 
LEU CG  CD2  sing N N 24 
LEU CG  HG   sing N N 25 
LEU CD1 HD11 sing N N 26 
LEU CD1 HD12 sing N N 27 
LEU CD1 HD13 sing N N 28 
LEU CD2 HD21 sing N N 29 
LEU CD2 HD22 sing N N 30 
LEU CD2 HD23 sing N N 31 
LEU OXT HXT  sing N N 32 
MET N   CA   sing N N 33 
MET N   H    sing N N 34 
MET N   H2   sing N N 35 
MET CA  C    sing N N 36 
MET CA  CB   sing N N 37 
MET CA  HA   sing N N 38 
MET C   O    doub N N 39 
MET C   OXT  sing N N 40 
MET CB  CG   sing N N 41 
MET CB  HB2  sing N N 42 
MET CB  HB3  sing N N 43 
MET CG  SD   sing N N 44 
MET CG  HG2  sing N N 45 
MET CG  HG3  sing N N 46 
MET SD  CE   sing N N 47 
MET CE  HE1  sing N N 48 
MET CE  HE2  sing N N 49 
MET CE  HE3  sing N N 50 
MET OXT HXT  sing N N 51 
SER N   CA   sing N N 52 
SER N   H    sing N N 53 
SER N   H2   sing N N 54 
SER CA  C    sing N N 55 
SER CA  CB   sing N N 56 
SER CA  HA   sing N N 57 
SER C   O    doub N N 58 
SER C   OXT  sing N N 59 
SER CB  OG   sing N N 60 
SER CB  HB2  sing N N 61 
SER CB  HB3  sing N N 62 
SER OG  HG   sing N N 63 
SER OXT HXT  sing N N 64 
TYR N   CA   sing N N 65 
TYR N   H    sing N N 66 
TYR N   H2   sing N N 67 
TYR CA  C    sing N N 68 
TYR CA  CB   sing N N 69 
TYR CA  HA   sing N N 70 
TYR C   O    doub N N 71 
TYR C   OXT  sing N N 72 
TYR CB  CG   sing N N 73 
TYR CB  HB2  sing N N 74 
TYR CB  HB3  sing N N 75 
TYR CG  CD1  doub Y N 76 
TYR CG  CD2  sing Y N 77 
TYR CD1 CE1  sing Y N 78 
TYR CD1 HD1  sing N N 79 
TYR CD2 CE2  doub Y N 80 
TYR CD2 HD2  sing N N 81 
TYR CE1 CZ   doub Y N 82 
TYR CE1 HE1  sing N N 83 
TYR CE2 CZ   sing Y N 84 
TYR CE2 HE2  sing N N 85 
TYR CZ  OH   sing N N 86 
TYR OH  HH   sing N N 87 
TYR OXT HXT  sing N N 88 
# 
_atom_sites.entry_id                    4WBU 
_atom_sites.fract_transf_matrix[1][1]   -0.07633936 
_atom_sites.fract_transf_matrix[1][2]   -0.07141238 
_atom_sites.fract_transf_matrix[1][3]   -0.01721901 
_atom_sites.fract_transf_matrix[2][1]   0.03768642 
_atom_sites.fract_transf_matrix[2][2]   -0.03471763 
_atom_sites.fract_transf_matrix[2][3]   -0.02309593 
_atom_sites.fract_transf_matrix[3][1]   0.00396294 
_atom_sites.fract_transf_matrix[3][2]   -0.00909037 
_atom_sites.fract_transf_matrix[3][3]   0.02013104 
_atom_sites.fract_transf_vector[1]      0.592360 
_atom_sites.fract_transf_vector[2]      0.965347 
_atom_sites.fract_transf_vector[3]      0.218594 
# 
loop_
_atom_type.symbol 
C 
N 
O 
S 
# 
loop_
_atom_site.group_PDB 
_atom_site.id 
_atom_site.type_symbol 
_atom_site.label_atom_id 
_atom_site.label_alt_id 
_atom_site.label_comp_id 
_atom_site.label_asym_id 
_atom_site.label_entity_id 
_atom_site.label_seq_id 
_atom_site.pdbx_PDB_ins_code 
_atom_site.Cartn_x 
_atom_site.Cartn_y 
_atom_site.Cartn_z 
_atom_site.occupancy 
_atom_site.B_iso_or_equiv 
_atom_site.pdbx_formal_charge 
_atom_site.auth_seq_id 
_atom_site.auth_comp_id 
_atom_site.auth_asym_id 
_atom_site.auth_atom_id 
_atom_site.pdbx_PDB_model_num 
ATOM   1   N N   . GLY A 1 1 ? 0.410  4.268  -8.596  1.00 8.10  ? 127 GLY A N   1 
ATOM   2   C CA  . GLY A 1 1 ? 0.709  4.713  -7.248  1.00 5.92  ? 127 GLY A CA  1 
ATOM   3   C C   . GLY A 1 1 ? 0.602  3.543  -6.293  1.00 4.76  ? 127 GLY A C   1 
ATOM   4   O O   . GLY A 1 1 ? 0.003  2.515  -6.617  1.00 5.35  ? 127 GLY A O   1 
ATOM   5   N N   . TYR A 1 2 ? 1.178  3.698  -5.113  1.00 3.33  ? 128 TYR A N   1 
ATOM   6   C CA  . TYR A 1 2 ? 1.117  2.626  -4.122  1.00 3.70  ? 128 TYR A CA  1 
ATOM   7   C C   . TYR A 1 2 ? 1.221  3.191  -2.719  1.00 2.48  ? 128 TYR A C   1 
ATOM   8   O O   . TYR A 1 2 ? 1.823  4.240  -2.497  1.00 2.76  ? 128 TYR A O   1 
ATOM   9   C CB  . TYR A 1 2 ? 2.228  1.593  -4.354  1.00 4.91  ? 128 TYR A CB  1 
ATOM   10  C CG  . TYR A 1 2 ? 3.636  2.160  -4.422  1.00 5.84  ? 128 TYR A CG  1 
ATOM   11  C CD1 . TYR A 1 2 ? 4.199  2.503  -5.649  1.00 6.74  ? 128 TYR A CD1 1 
ATOM   12  C CD2 . TYR A 1 2 ? 4.413  2.336  -3.273  1.00 5.90  ? 128 TYR A CD2 1 
ATOM   13  C CE1 . TYR A 1 2 ? 5.483  3.011  -5.740  1.00 7.42  ? 128 TYR A CE1 1 
ATOM   14  C CE2 . TYR A 1 2 ? 5.709  2.854  -3.347  1.00 6.63  ? 128 TYR A CE2 1 
ATOM   15  C CZ  . TYR A 1 2 ? 6.234  3.186  -4.588  1.00 7.25  ? 128 TYR A CZ  1 
ATOM   16  O OH  . TYR A 1 2 ? 7.514  3.687  -4.686  1.00 10.28 ? 128 TYR A OH  1 
ATOM   17  N N   . MET A 1 3 ? 0.587  2.486  -1.785  1.00 2.77  ? 129 MET A N   1 
ATOM   18  C CA  A MET A 1 3 ? 0.639  2.808  -0.364  0.30 3.00  ? 129 MET A CA  1 
ATOM   19  C CA  B MET A 1 3 ? 0.664  2.799  -0.358  0.70 3.27  ? 129 MET A CA  1 
ATOM   20  C C   . MET A 1 3 ? 0.739  1.498  0.398   1.00 3.61  ? 129 MET A C   1 
ATOM   21  O O   . MET A 1 3 ? -0.008 0.581  0.108   1.00 4.43  ? 129 MET A O   1 
ATOM   22  C CB  A MET A 1 3 ? -0.607 3.591  0.061   0.30 4.15  ? 129 MET A CB  1 
ATOM   23  C CB  B MET A 1 3 ? -0.554 3.603  0.103   0.70 6.27  ? 129 MET A CB  1 
ATOM   24  C CG  A MET A 1 3 ? -0.993 4.705  -0.912  0.30 4.56  ? 129 MET A CG  1 
ATOM   25  C CG  B MET A 1 3 ? -0.518 5.068  -0.312  0.70 8.64  ? 129 MET A CG  1 
ATOM   26  S SD  A MET A 1 3 ? -2.587 5.467  -0.587  0.30 5.12  ? 129 MET A SD  1 
ATOM   27  S SD  B MET A 1 3 ? -1.948 5.979  0.295   0.70 13.04 ? 129 MET A SD  1 
ATOM   28  C CE  A MET A 1 3 ? -2.069 6.954  0.242   0.30 6.27  ? 129 MET A CE  1 
ATOM   29  C CE  B MET A 1 3 ? -3.245 5.179  -0.625  0.70 13.40 ? 129 MET A CE  1 
ATOM   30  N N   . LEU A 1 4 ? 1.638  1.400  1.368   1.00 2.25  ? 130 LEU A N   1 
ATOM   31  C CA  . LEU A 1 4 ? 1.725  0.144  2.100   1.00 3.26  ? 130 LEU A CA  1 
ATOM   32  C C   . LEU A 1 4 ? 2.374  0.377  3.442   1.00 2.38  ? 130 LEU A C   1 
ATOM   33  O O   . LEU A 1 4 ? 3.060  1.389  3.663   1.00 3.12  ? 130 LEU A O   1 
ATOM   34  C CB  . LEU A 1 4 ? 2.485  -0.937 1.304   1.00 3.48  ? 130 LEU A CB  1 
ATOM   35  C CG  . LEU A 1 4 ? 3.938  -0.646 0.948   1.00 4.16  ? 130 LEU A CG  1 
ATOM   36  C CD1 . LEU A 1 4 ? 4.692  -1.952 0.757   1.00 6.97  ? 130 LEU A CD1 1 
ATOM   37  C CD2 . LEU A 1 4 ? 4.005  0.184  -0.341  1.00 5.49  ? 130 LEU A CD2 1 
ATOM   38  N N   . GLY A 1 5 ? 2.181  -0.582 4.331   1.00 2.98  ? 131 GLY A N   1 
ATOM   39  C CA  . GLY A 1 5 ? 2.790  -0.479 5.640   1.00 3.69  ? 131 GLY A CA  1 
ATOM   40  C C   . GLY A 1 5 ? 2.710  -1.789 6.376   1.00 4.76  ? 131 GLY A C   1 
ATOM   41  O O   . GLY A 1 5 ? 1.916  -2.669 6.056   1.00 3.72  ? 131 GLY A O   1 
ATOM   42  N N   . SER A 1 6 ? 3.561  -1.913 7.385   1.00 6.47  ? 132 SER A N   1 
ATOM   43  C CA  . SER A 1 6 ? 3.666  -3.149 8.154   1.00 9.17  ? 132 SER A CA  1 
ATOM   44  C C   . SER A 1 6 ? 4.039  -2.793 9.569   1.00 10.63 ? 132 SER A C   1 
ATOM   45  O O   . SER A 1 6 ? 4.864  -1.906 9.757   1.00 11.54 ? 132 SER A O   1 
ATOM   46  C CB  . SER A 1 6 ? 4.706  -4.089 7.524   1.00 11.99 ? 132 SER A CB  1 
ATOM   47  O OG  . SER A 1 6 ? 4.751  -5.350 8.181   1.00 12.96 ? 132 SER A OG  1 
ATOM   48  O OXT . SER A 1 6 ? 3.536  -3.362 10.535  1.00 13.62 ? 132 SER A OXT 1 
ATOM   49  N N   . GLY B 1 1 ? 0.379  -6.593 7.527   1.00 12.01 ? 127 GLY B N   1 
ATOM   50  C CA  . GLY B 1 1 ? 0.398  -5.262 6.936   1.00 9.15  ? 127 GLY B CA  1 
ATOM   51  C C   . GLY B 1 1 ? -0.710 -5.045 5.923   1.00 7.16  ? 127 GLY B C   1 
ATOM   52  O O   . GLY B 1 1 ? -1.666 -5.809 5.849   1.00 9.17  ? 127 GLY B O   1 
ATOM   53  N N   . TYR B 1 2 ? -0.572 -3.997 5.122   1.00 3.97  ? 128 TYR B N   1 
ATOM   54  C CA  . TYR B 1 2 ? -1.613 -3.575 4.206   1.00 3.63  ? 128 TYR B CA  1 
ATOM   55  C C   . TYR B 1 2 ? -0.950 -3.004 2.958   1.00 2.74  ? 128 TYR B C   1 
ATOM   56  O O   . TYR B 1 2 ? 0.168  -2.477 3.025   1.00 3.59  ? 128 TYR B O   1 
ATOM   57  C CB  . TYR B 1 2 ? -2.527 -2.545 4.871   1.00 5.14  ? 128 TYR B CB  1 
ATOM   58  C CG  . TYR B 1 2 ? -1.793 -1.288 5.285   1.00 6.76  ? 128 TYR B CG  1 
ATOM   59  C CD1 . TYR B 1 2 ? -1.272 -1.161 6.563   1.00 6.62  ? 128 TYR B CD1 1 
ATOM   60  C CD2 . TYR B 1 2 ? -1.593 -0.244 4.387   1.00 7.42  ? 128 TYR B CD2 1 
ATOM   61  C CE1 . TYR B 1 2 ? -0.582 -0.012 6.942   1.00 7.96  ? 128 TYR B CE1 1 
ATOM   62  C CE2 . TYR B 1 2 ? -0.899 0.896  4.745   1.00 9.18  ? 128 TYR B CE2 1 
ATOM   63  C CZ  . TYR B 1 2 ? -0.409 1.009  6.022   1.00 9.15  ? 128 TYR B CZ  1 
ATOM   64  O OH  . TYR B 1 2 ? 0.280  2.153  6.376   1.00 12.65 ? 128 TYR B OH  1 
ATOM   65  N N   . MET B 1 3 ? -1.655 -3.075 1.837   1.00 2.76  ? 129 MET B N   1 
ATOM   66  C CA  . MET B 1 3 ? -1.157 -2.587 0.554   1.00 3.55  ? 129 MET B CA  1 
ATOM   67  C C   . MET B 1 3 ? -2.305 -2.055 -0.281  1.00 2.91  ? 129 MET B C   1 
ATOM   68  O O   . MET B 1 3 ? -3.364 -2.671 -0.323  1.00 3.46  ? 129 MET B O   1 
ATOM   69  C CB  . MET B 1 3 ? -0.474 -3.704 -0.228  1.00 6.09  ? 129 MET B CB  1 
ATOM   70  C CG  . MET B 1 3 ? 0.648  -4.409 0.486   1.00 8.51  ? 129 MET B CG  1 
ATOM   71  S SD  . MET B 1 3 ? 1.182  -5.897 -0.420  1.00 9.32  ? 129 MET B SD  1 
ATOM   72  C CE  . MET B 1 3 ? 1.886  -5.085 -1.826  1.00 11.70 ? 129 MET B CE  1 
ATOM   73  N N   . LEU B 1 4 ? -2.073 -0.944 -0.972  1.00 3.50  ? 130 LEU B N   1 
ATOM   74  C CA  . LEU B 1 4 ? -3.033 -0.352 -1.908  1.00 3.70  ? 130 LEU B CA  1 
ATOM   75  C C   . LEU B 1 4 ? -2.249 0.023  -3.163  1.00 4.05  ? 130 LEU B C   1 
ATOM   76  O O   . LEU B 1 4 ? -1.219 0.697  -3.072  1.00 6.92  ? 130 LEU B O   1 
ATOM   77  C CB  . LEU B 1 4 ? -3.721 0.871  -1.282  1.00 5.52  ? 130 LEU B CB  1 
ATOM   78  C CG  . LEU B 1 4 ? -4.813 1.568  -2.107  1.00 9.33  ? 130 LEU B CG  1 
ATOM   79  C CD1 . LEU B 1 4 ? -5.665 2.387  -1.164  1.00 9.57  ? 130 LEU B CD1 1 
ATOM   80  C CD2 . LEU B 1 4 ? -4.235 2.463  -3.201  1.00 11.63 ? 130 LEU B CD2 1 
ATOM   81  N N   . GLY B 1 5 ? -2.730 -0.413 -4.319  1.00 3.29  ? 131 GLY B N   1 
ATOM   82  C CA  . GLY B 1 5 ? -2.134 -0.045 -5.589  1.00 3.93  ? 131 GLY B CA  1 
ATOM   83  C C   . GLY B 1 5 ? -3.207 0.567  -6.462  1.00 4.31  ? 131 GLY B C   1 
ATOM   84  O O   . GLY B 1 5 ? -4.342 0.084  -6.520  1.00 4.48  ? 131 GLY B O   1 
ATOM   85  N N   . SER B 1 6 ? -2.831 1.631  -7.160  1.00 5.18  ? 132 SER B N   1 
ATOM   86  C CA  . SER B 1 6 ? -3.770 2.358  -8.002  1.00 7.44  ? 132 SER B CA  1 
ATOM   87  C C   . SER B 1 6 ? -3.089 2.874  -9.246  1.00 9.15  ? 132 SER B C   1 
ATOM   88  O O   . SER B 1 6 ? -1.876 2.698  -9.409  1.00 10.07 ? 132 SER B O   1 
ATOM   89  C CB  . SER B 1 6 ? -4.355 3.532  -7.245  1.00 11.45 ? 132 SER B CB  1 
ATOM   90  O OG  . SER B 1 6 ? -3.297 4.417  -6.912  1.00 15.06 ? 132 SER B OG  1 
ATOM   91  O OXT . SER B 1 6 ? -3.757 3.502  -10.074 1.00 9.85  ? 132 SER B OXT 1 
HETATM 92  O O   . HOH C 2 . ? 2.211  -3.214 12.950  1.00 25.88 ? 201 HOH A O   1 
HETATM 93  O O   . HOH C 2 . ? 8.424  4.120  -7.390  1.00 35.49 ? 202 HOH A O   1 
HETATM 94  O O   . HOH C 2 . ? -0.132 7.379  -4.750  1.00 15.59 ? 203 HOH A O   1 
HETATM 95  O O   . HOH C 2 . ? -0.897 7.859  -7.442  1.00 19.04 ? 204 HOH A O   1 
HETATM 96  O O   A HOH C 2 . ? 1.708  -1.225 13.932  0.58 20.06 ? 205 HOH A O   1 
HETATM 97  O O   B HOH C 2 . ? 3.577  -0.910 13.815  0.42 13.99 ? 205 HOH A O   1 
HETATM 98  O O   . HOH D 2 . ? -0.307 0.418  -9.069  1.00 32.21 ? 201 HOH B O   1 
HETATM 99  O O   . HOH D 2 . ? -2.179 5.597  -4.641  1.00 21.89 ? 202 HOH B O   1 
HETATM 100 O O   . HOH D 2 . ? -2.783 6.669  -8.849  1.00 28.43 ? 203 HOH B O   1 
HETATM 101 O O   A HOH D 2 . ? -1.055 1.619  -12.455 0.46 16.41 ? 204 HOH B O   1 
HETATM 102 O O   B HOH D 2 . ? -2.029 0.003  -13.212 0.54 22.02 ? 204 HOH B O   1 
# 
loop_
_atom_site_anisotrop.id 
_atom_site_anisotrop.type_symbol 
_atom_site_anisotrop.pdbx_label_atom_id 
_atom_site_anisotrop.pdbx_label_alt_id 
_atom_site_anisotrop.pdbx_label_comp_id 
_atom_site_anisotrop.pdbx_label_asym_id 
_atom_site_anisotrop.pdbx_label_seq_id 
_atom_site_anisotrop.pdbx_PDB_ins_code 
_atom_site_anisotrop.U[1][1] 
_atom_site_anisotrop.U[2][2] 
_atom_site_anisotrop.U[3][3] 
_atom_site_anisotrop.U[1][2] 
_atom_site_anisotrop.U[1][3] 
_atom_site_anisotrop.U[2][3] 
_atom_site_anisotrop.pdbx_auth_seq_id 
_atom_site_anisotrop.pdbx_auth_comp_id 
_atom_site_anisotrop.pdbx_auth_asym_id 
_atom_site_anisotrop.pdbx_auth_atom_id 
1   N N   . GLY A 1 ? 0.1445 0.0951 0.0682 -0.0028 -0.0213 0.0385  127 GLY A N   
2   C CA  . GLY A 1 ? 0.1231 0.0513 0.0507 -0.0101 -0.0262 0.0142  127 GLY A CA  
3   C C   . GLY A 1 ? 0.0822 0.0494 0.0493 -0.0228 -0.0141 0.0086  127 GLY A C   
4   O O   . GLY A 1 ? 0.0717 0.0832 0.0482 -0.0332 -0.0137 0.0105  127 GLY A O   
5   N N   . TYR A 2 ? 0.0422 0.0393 0.0448 -0.0115 -0.0031 0.0094  128 TYR A N   
6   C CA  . TYR A 2 ? 0.0512 0.0393 0.0503 0.0012  0.0108  0.0109  128 TYR A CA  
7   C C   . TYR A 2 ? 0.0265 0.0270 0.0407 -0.0157 0.0010  0.0028  128 TYR A C   
8   O O   . TYR A 2 ? 0.0257 0.0400 0.0393 -0.0154 0.0046  0.0084  128 TYR A O   
9   C CB  . TYR A 2 ? 0.0723 0.0459 0.0684 0.0183  0.0223  0.0111  128 TYR A CB  
10  C CG  . TYR A 2 ? 0.0879 0.0539 0.0800 0.0352  0.0161  -0.0055 128 TYR A CG  
11  C CD1 . TYR A 2 ? 0.0639 0.0846 0.1074 0.0340  0.0290  0.0207  128 TYR A CD1 
12  C CD2 . TYR A 2 ? 0.0545 0.0703 0.0992 0.0312  0.0183  0.0038  128 TYR A CD2 
13  C CE1 . TYR A 2 ? 0.0595 0.1076 0.1148 0.0368  0.0238  0.0152  128 TYR A CE1 
14  C CE2 . TYR A 2 ? 0.0640 0.0738 0.1140 0.0328  0.0256  0.0122  128 TYR A CE2 
15  C CZ  . TYR A 2 ? 0.0451 0.0949 0.1353 0.0198  0.0150  0.0237  128 TYR A CZ  
16  O OH  . TYR A 2 ? 0.0680 0.1535 0.1690 0.0325  0.0112  0.0497  128 TYR A OH  
17  N N   . MET A 3 ? 0.0329 0.0281 0.0442 -0.0022 0.0018  0.0064  129 MET A N   
18  C CA  A MET A 3 ? 0.0459 0.0185 0.0495 0.0026  -0.0011 -0.0017 129 MET A CA  
19  C CA  B MET A 3 ? 0.0599 0.0162 0.0482 0.0053  0.0044  -0.0016 129 MET A CA  
20  C C   . MET A 3 ? 0.0615 0.0300 0.0457 0.0052  -0.0005 0.0003  129 MET A C   
21  O O   . MET A 3 ? 0.0751 0.0368 0.0561 -0.0233 -0.0252 0.0087  129 MET A O   
22  C CB  A MET A 3 ? 0.0461 0.0388 0.0729 0.0237  0.0016  0.0021  129 MET A CB  
23  C CB  B MET A 3 ? 0.0889 0.0709 0.0786 0.0432  0.0280  0.0188  129 MET A CB  
24  C CG  A MET A 3 ? 0.0489 0.0427 0.0817 0.0240  -0.0071 -0.0048 129 MET A CG  
25  C CG  B MET A 3 ? 0.1382 0.0911 0.0988 0.0620  0.0283  0.0145  129 MET A CG  
26  S SD  A MET A 3 ? 0.0313 0.0650 0.0984 0.0110  -0.0146 -0.0054 129 MET A SD  
27  S SD  B MET A 3 ? 0.2205 0.1510 0.1239 0.1028  0.0427  0.0278  129 MET A SD  
28  C CE  A MET A 3 ? 0.0350 0.0826 0.1207 0.0126  -0.0066 0.0108  129 MET A CE  
29  C CE  B MET A 3 ? 0.1945 0.1776 0.1368 0.1006  0.0317  0.0351  129 MET A CE  
30  N N   . LEU A 4 ? 0.0295 0.0167 0.0392 -0.0102 -0.0017 0.0051  130 LEU A N   
31  C CA  . LEU A 4 ? 0.0502 0.0298 0.0439 0.0029  -0.0030 0.0048  130 LEU A CA  
32  C C   . LEU A 4 ? 0.0341 0.0288 0.0273 -0.0134 -0.0094 -0.0010 130 LEU A C   
33  O O   . LEU A 4 ? 0.0518 0.0343 0.0324 -0.0154 -0.0141 0.0038  130 LEU A O   
34  C CB  . LEU A 4 ? 0.0431 0.0330 0.0560 -0.0043 -0.0026 0.0035  130 LEU A CB  
35  C CG  . LEU A 4 ? 0.0423 0.0344 0.0812 -0.0020 -0.0029 0.0114  130 LEU A CG  
36  C CD1 . LEU A 4 ? 0.1091 0.0576 0.0979 0.0238  0.0026  0.0190  130 LEU A CD1 
37  C CD2 . LEU A 4 ? 0.0663 0.0547 0.0877 0.0005  0.0023  0.0153  130 LEU A CD2 
38  N N   . GLY A 5 ? 0.0476 0.0375 0.0280 -0.0107 -0.0142 0.0021  131 GLY A N   
39  C CA  . GLY A 5 ? 0.0486 0.0458 0.0457 -0.0175 -0.0234 0.0138  131 GLY A CA  
40  C C   . GLY A 5 ? 0.0687 0.0686 0.0437 -0.0118 -0.0299 0.0040  131 GLY A C   
41  O O   . GLY A 5 ? 0.0389 0.0465 0.0558 -0.0171 -0.0227 0.0136  131 GLY A O   
42  N N   . SER A 6 ? 0.1158 0.0673 0.0625 -0.0284 -0.0422 0.0203  132 SER A N   
43  C CA  . SER A 6 ? 0.1925 0.0763 0.0794 -0.0152 -0.0316 0.0258  132 SER A CA  
44  C C   . SER A 6 ? 0.2031 0.1134 0.0874 -0.0572 -0.0465 0.0348  132 SER A C   
45  O O   . SER A 6 ? 0.1830 0.1608 0.0947 -0.0477 -0.0529 0.0466  132 SER A O   
46  C CB  . SER A 6 ? 0.2456 0.1067 0.1031 0.0235  -0.0036 0.0405  132 SER A CB  
47  O OG  . SER A 6 ? 0.2657 0.1276 0.0991 0.0371  -0.0050 0.0386  132 SER A OG  
48  O OXT . SER A 6 ? 0.2325 0.1852 0.0997 -0.0569 -0.0572 0.0421  132 SER A OXT 
49  N N   . GLY B 1 ? 0.1837 0.1473 0.1254 -0.0314 -0.0522 0.0680  127 GLY B N   
50  C CA  . GLY B 1 ? 0.1412 0.1040 0.1023 -0.0530 -0.0460 0.0485  127 GLY B CA  
51  C C   . GLY B 1 ? 0.0971 0.0979 0.0772 -0.0513 -0.0324 0.0392  127 GLY B C   
52  O O   . GLY B 1 ? 0.1224 0.1367 0.0893 -0.0701 -0.0450 0.0492  127 GLY B O   
53  N N   . TYR B 2 ? 0.0607 0.0502 0.0400 -0.0315 -0.0079 0.0114  128 TYR B N   
54  C CA  . TYR B 2 ? 0.0256 0.0674 0.0449 -0.0116 -0.0045 0.0005  128 TYR B CA  
55  C C   . TYR B 2 ? 0.0270 0.0295 0.0478 -0.0133 0.0004  0.0080  128 TYR B C   
56  O O   . TYR B 2 ? 0.0492 0.0516 0.0354 -0.0033 -0.0074 0.0036  128 TYR B O   
57  C CB  . TYR B 2 ? 0.0299 0.0934 0.0722 0.0017  -0.0014 -0.0106 128 TYR B CB  
58  C CG  . TYR B 2 ? 0.0445 0.1197 0.0925 0.0207  0.0154  -0.0183 128 TYR B CG  
59  C CD1 . TYR B 2 ? 0.0607 0.1040 0.0867 0.0042  0.0189  -0.0462 128 TYR B CD1 
60  C CD2 . TYR B 2 ? 0.0759 0.1005 0.1056 0.0293  0.0149  -0.0319 128 TYR B CD2 
61  C CE1 . TYR B 2 ? 0.0894 0.1032 0.1100 0.0078  0.0326  -0.0373 128 TYR B CE1 
62  C CE2 . TYR B 2 ? 0.1041 0.1255 0.1191 0.0433  0.0092  -0.0335 128 TYR B CE2 
63  C CZ  . TYR B 2 ? 0.1339 0.0875 0.1262 0.0253  0.0154  -0.0426 128 TYR B CZ  
64  O OH  . TYR B 2 ? 0.2142 0.1109 0.1557 0.0244  0.0146  -0.0205 128 TYR B OH  
65  N N   . MET B 3 ? 0.0512 0.0142 0.0394 -0.0014 -0.0035 -0.0052 129 MET B N   
66  C CA  . MET B 3 ? 0.0419 0.0484 0.0444 0.0008  0.0046  -0.0020 129 MET B CA  
67  C C   . MET B 3 ? 0.0252 0.0442 0.0411 -0.0180 -0.0021 0.0055  129 MET B C   
68  O O   . MET B 3 ? 0.0368 0.0500 0.0445 -0.0239 -0.0085 0.0111  129 MET B O   
69  C CB  . MET B 3 ? 0.0888 0.0687 0.0739 0.0400  0.0052  -0.0006 129 MET B CB  
70  C CG  . MET B 3 ? 0.1089 0.1143 0.1001 0.0442  0.0006  0.0025  129 MET B CG  
71  S SD  . MET B 3 ? 0.1312 0.0963 0.1264 0.0385  0.0193  0.0011  129 MET B SD  
72  C CE  . MET B 3 ? 0.1435 0.1818 0.1190 0.0622  0.0360  0.0267  129 MET B CE  
73  N N   . LEU B 4 ? 0.0470 0.0431 0.0427 -0.0125 -0.0094 0.0072  130 LEU B N   
74  C CA  . LEU B 4 ? 0.0393 0.0436 0.0578 -0.0016 -0.0089 0.0110  130 LEU B CA  
75  C C   . LEU B 4 ? 0.0447 0.0620 0.0473 -0.0285 -0.0111 0.0112  130 LEU B C   
76  O O   . LEU B 4 ? 0.0841 0.1285 0.0502 -0.0568 -0.0163 0.0238  130 LEU B O   
77  C CB  . LEU B 4 ? 0.0777 0.0580 0.0742 0.0296  -0.0051 0.0065  130 LEU B CB  
78  C CG  . LEU B 4 ? 0.1424 0.1017 0.1104 0.0488  0.0019  0.0216  130 LEU B CG  
79  C CD1 . LEU B 4 ? 0.1129 0.1309 0.1200 0.0478  0.0034  0.0216  130 LEU B CD1 
80  C CD2 . LEU B 4 ? 0.2151 0.1127 0.1142 0.0695  0.0034  0.0233  130 LEU B CD2 
81  N N   . GLY B 5 ? 0.0366 0.0389 0.0494 -0.0105 -0.0104 0.0014  131 GLY B N   
82  C CA  . GLY B 5 ? 0.0463 0.0535 0.0495 -0.0011 -0.0069 0.0036  131 GLY B CA  
83  C C   . GLY B 5 ? 0.0754 0.0357 0.0527 -0.0242 -0.0051 0.0069  131 GLY B C   
84  O O   . GLY B 5 ? 0.0527 0.0656 0.0521 -0.0181 -0.0078 0.0178  131 GLY B O   
85  N N   . SER B 6 ? 0.0755 0.0662 0.0552 -0.0115 -0.0095 0.0116  132 SER B N   
86  C CA  . SER B 6 ? 0.1113 0.0934 0.0779 0.0007  -0.0051 0.0255  132 SER B CA  
87  C C   . SER B 6 ? 0.1212 0.1507 0.0757 -0.0055 0.0017  0.0437  132 SER B C   
88  O O   . SER B 6 ? 0.1076 0.1899 0.0851 -0.0356 0.0004  0.0563  132 SER B O   
89  C CB  . SER B 6 ? 0.2044 0.1164 0.1142 0.0401  -0.0116 0.0303  132 SER B CB  
90  O OG  . SER B 6 ? 0.3274 0.1081 0.1367 0.0560  -0.0307 0.0134  132 SER B OG  
91  O OXT . SER B 6 ? 0.1496 0.1563 0.0682 -0.0026 -0.0023 0.0445  132 SER B OXT 
92  O O   . HOH C . ? 0.2047 0.6015 0.1769 0.1221  0.0018  0.0470  201 HOH A O   
93  O O   . HOH C . ? 0.2312 0.7834 0.3338 0.0546  0.0190  0.2404  202 HOH A O   
94  O O   . HOH C . ? 0.1457 0.3298 0.1167 0.1048  0.0241  0.0417  203 HOH A O   
95  O O   . HOH C . ? 0.1547 0.3696 0.1992 0.0901  0.0501  0.1402  204 HOH A O   
96  O O   A HOH C . ? 0.2921 0.1543 0.3158 0.0231  -0.0194 0.1112  205 HOH A O   
97  O O   B HOH C . ? 0.1389 0.2104 0.1823 0.0924  0.0386  0.0362  205 HOH A O   
98  O O   . HOH D . ? 0.4570 0.4188 0.3481 0.1081  0.2152  0.0063  201 HOH B O   
99  O O   . HOH D . ? 0.1948 0.4535 0.1835 -0.0200 0.0019  0.0441  202 HOH B O   
100 O O   . HOH D . ? 0.4487 0.1964 0.4351 -0.0278 0.2480  -0.0520 203 HOH B O   
101 O O   A HOH D . ? 0.1991 0.2080 0.2166 0.0649  0.0912  0.1097  204 HOH B O   
102 O O   B HOH D . ? 0.1815 0.4734 0.1817 0.0512  -0.0589 -0.0394 204 HOH B O   
# 
